data_4I7W
#
_entry.id   4I7W
#
_cell.length_a   89.090
_cell.length_b   122.780
_cell.length_c   129.640
_cell.angle_alpha   90.00
_cell.angle_beta   90.00
_cell.angle_gamma   90.00
#
_symmetry.space_group_name_H-M   'C 2 2 21'
#
loop_
_entity.id
_entity.type
_entity.pdbx_description
1 polymer 'Dihydrodipicolinate synthase'
2 non-polymer LYSINE
3 non-polymer GLYCEROL
4 water water
#
_entity_poly.entity_id   1
_entity_poly.type   'polypeptide(L)'
_entity_poly.pdbx_seq_one_letter_code
;MAHHHHHHVDDDEKMFKGSIPALITPFTDNGAVDEQAFAAHVEWQIAEGSNGLVPVGTTGESPTLSHDEHKRVVELCIEV
AAKRVPVIAGAGSNNTDEAIELALHAQDAGADALLVVTPYYNKPTQKGLFAHFSAVAEAVKLPIVIYNIPPRSVVDMSPE
TMGALVKAHKNIVGV(KPI)DATGKLDRVSEQRISCGKDFIQLSGEDSTALGFNAHGGVGCISVSANVAPRLCSEFQAAM
LAGDYAKALEYQDRLMPLHRAIFMEPGVCGTKYALSKTRGCNRKVRSPLMSTLEPATEAAIDAALKHAGLMN
;
_entity_poly.pdbx_strand_id   A,B
#
# COMPACT_ATOMS: atom_id res chain seq x y z
N MET A 15 7.44 28.29 8.26
CA MET A 15 8.28 27.56 9.22
C MET A 15 8.80 26.22 8.68
N PHE A 16 7.91 25.24 8.57
CA PHE A 16 8.26 23.83 8.32
C PHE A 16 9.65 23.46 8.86
N LYS A 17 9.76 23.39 10.19
CA LYS A 17 10.99 23.04 10.88
C LYS A 17 10.70 22.52 12.30
N GLY A 18 11.70 21.95 12.95
CA GLY A 18 11.57 21.52 14.34
C GLY A 18 10.79 20.22 14.52
N SER A 19 10.10 20.12 15.66
CA SER A 19 9.38 18.90 16.03
C SER A 19 7.92 18.97 15.60
N ILE A 20 7.56 18.13 14.63
CA ILE A 20 6.23 18.16 14.02
C ILE A 20 5.57 16.79 14.19
N PRO A 21 4.68 16.63 15.19
CA PRO A 21 4.06 15.32 15.38
C PRO A 21 3.18 14.90 14.21
N ALA A 22 3.35 13.65 13.79
CA ALA A 22 2.36 12.98 12.96
C ALA A 22 1.30 12.49 13.94
N LEU A 23 0.25 13.28 14.10
CA LEU A 23 -0.73 13.09 15.16
C LEU A 23 -1.47 11.77 15.04
N ILE A 24 -1.62 11.09 16.17
CA ILE A 24 -2.55 9.96 16.24
C ILE A 24 -3.98 10.47 16.04
N THR A 25 -4.85 9.58 15.57
CA THR A 25 -6.29 9.82 15.55
C THR A 25 -6.92 8.95 16.62
N PRO A 26 -7.38 9.57 17.73
CA PRO A 26 -8.00 8.79 18.79
C PRO A 26 -9.38 8.30 18.41
N PHE A 27 -9.71 7.09 18.85
CA PHE A 27 -11.03 6.52 18.64
C PHE A 27 -11.68 6.17 19.98
N THR A 28 -13.01 6.16 20.00
CA THR A 28 -13.76 5.55 21.09
C THR A 28 -13.75 4.04 20.91
N ASP A 29 -14.22 3.30 21.91
CA ASP A 29 -14.22 1.83 21.89
C ASP A 29 -14.88 1.22 20.67
N ASN A 30 -15.91 1.89 20.15
CA ASN A 30 -16.63 1.43 18.95
C ASN A 30 -15.89 1.73 17.65
N GLY A 31 -14.75 2.41 17.74
CA GLY A 31 -13.91 2.69 16.58
C GLY A 31 -14.17 4.02 15.90
N ALA A 32 -15.17 4.76 16.38
CA ALA A 32 -15.48 6.08 15.82
C ALA A 32 -14.42 7.11 16.21
N VAL A 33 -14.19 8.09 15.35
CA VAL A 33 -13.28 9.18 15.64
C VAL A 33 -13.73 9.90 16.92
N ASP A 34 -12.79 10.09 17.84
CA ASP A 34 -13.05 10.79 19.09
C ASP A 34 -12.57 12.23 18.94
N GLU A 35 -13.50 13.10 18.53
CA GLU A 35 -13.16 14.49 18.22
C GLU A 35 -12.62 15.29 19.41
N GLN A 36 -13.22 15.07 20.59
CA GLN A 36 -12.80 15.80 21.78
CA GLN A 36 -12.81 15.76 21.81
C GLN A 36 -11.41 15.36 22.24
N ALA A 37 -11.10 14.07 22.11
CA ALA A 37 -9.77 13.56 22.45
C ALA A 37 -8.72 14.09 21.47
N PHE A 38 -9.08 14.15 20.19
CA PHE A 38 -8.18 14.68 19.17
C PHE A 38 -7.86 16.15 19.43
N ALA A 39 -8.89 16.95 19.70
CA ALA A 39 -8.72 18.37 20.02
C ALA A 39 -7.82 18.57 21.24
N ALA A 40 -8.05 17.79 22.29
CA ALA A 40 -7.24 17.86 23.51
C ALA A 40 -5.78 17.51 23.24
N HIS A 41 -5.56 16.51 22.39
CA HIS A 41 -4.20 16.10 22.02
C HIS A 41 -3.47 17.22 21.28
N VAL A 42 -4.16 17.83 20.32
CA VAL A 42 -3.60 18.95 19.56
C VAL A 42 -3.26 20.15 20.45
N GLU A 43 -4.18 20.52 21.36
CA GLU A 43 -3.95 21.62 22.29
CA GLU A 43 -3.97 21.62 22.30
C GLU A 43 -2.72 21.36 23.15
N TRP A 44 -2.60 20.14 23.66
CA TRP A 44 -1.48 19.74 24.50
C TRP A 44 -0.16 19.77 23.73
N GLN A 45 -0.19 19.25 22.50
CA GLN A 45 0.98 19.29 21.61
C GLN A 45 1.52 20.72 21.43
N ILE A 46 0.61 21.65 21.14
CA ILE A 46 0.98 23.06 20.95
C ILE A 46 1.53 23.65 22.26
N ALA A 47 0.87 23.37 23.37
CA ALA A 47 1.28 23.87 24.68
C ALA A 47 2.67 23.38 25.10
N GLU A 48 3.00 22.16 24.69
CA GLU A 48 4.27 21.53 25.06
CA GLU A 48 4.27 21.53 25.06
C GLU A 48 5.43 21.90 24.13
N GLY A 49 5.13 22.63 23.05
CA GLY A 49 6.18 23.15 22.19
C GLY A 49 6.34 22.56 20.80
N SER A 50 5.40 21.71 20.37
CA SER A 50 5.44 21.20 19.00
C SER A 50 5.38 22.36 18.00
N ASN A 51 6.18 22.27 16.94
CA ASN A 51 6.39 23.39 16.03
C ASN A 51 5.49 23.37 14.80
N GLY A 52 4.74 22.29 14.64
CA GLY A 52 3.84 22.11 13.50
C GLY A 52 3.01 20.87 13.76
N LEU A 53 2.07 20.57 12.87
CA LEU A 53 1.16 19.44 13.06
C LEU A 53 0.88 18.73 11.75
N VAL A 54 0.94 17.40 11.77
CA VAL A 54 0.52 16.59 10.63
C VAL A 54 -0.67 15.73 11.01
N PRO A 55 -1.89 16.18 10.65
CA PRO A 55 -3.06 15.34 10.86
C PRO A 55 -3.21 14.34 9.71
N VAL A 56 -3.63 13.12 10.07
CA VAL A 56 -3.93 12.06 9.11
C VAL A 56 -2.74 11.70 8.20
N GLY A 57 -1.58 11.52 8.82
CA GLY A 57 -0.46 10.82 8.18
C GLY A 57 -0.61 9.33 8.43
N THR A 58 0.47 8.58 8.28
CA THR A 58 0.48 7.14 8.59
C THR A 58 0.06 6.92 10.05
N THR A 59 0.65 7.69 10.95
CA THR A 59 0.41 7.56 12.38
C THR A 59 -1.01 7.95 12.76
N GLY A 60 -1.66 8.75 11.91
CA GLY A 60 -3.06 9.13 12.09
C GLY A 60 -4.05 8.12 11.52
N GLU A 61 -3.52 6.96 11.11
CA GLU A 61 -4.33 5.85 10.56
C GLU A 61 -5.13 6.26 9.32
N SER A 62 -4.49 7.07 8.48
CA SER A 62 -5.05 7.43 7.18
C SER A 62 -5.66 6.24 6.41
N PRO A 63 -4.98 5.06 6.40
CA PRO A 63 -5.55 3.96 5.61
C PRO A 63 -6.93 3.45 6.04
N THR A 64 -7.27 3.61 7.32
CA THR A 64 -8.52 3.03 7.82
C THR A 64 -9.61 4.06 8.10
N LEU A 65 -9.34 5.33 7.78
CA LEU A 65 -10.37 6.35 7.78
C LEU A 65 -11.05 6.38 6.43
N SER A 66 -12.36 6.66 6.43
CA SER A 66 -13.07 6.98 5.19
C SER A 66 -12.58 8.35 4.72
N HIS A 67 -12.91 8.70 3.47
CA HIS A 67 -12.57 10.01 2.95
CA HIS A 67 -12.60 10.02 2.93
C HIS A 67 -13.23 11.13 3.77
N ASP A 68 -14.48 10.90 4.18
CA ASP A 68 -15.20 11.86 5.03
C ASP A 68 -14.50 12.06 6.38
N GLU A 69 -14.08 10.96 7.00
CA GLU A 69 -13.39 11.01 8.29
C GLU A 69 -12.02 11.68 8.16
N HIS A 70 -11.27 11.32 7.12
CA HIS A 70 -9.98 11.92 6.81
C HIS A 70 -10.14 13.44 6.74
N LYS A 71 -11.08 13.89 5.92
CA LYS A 71 -11.34 15.31 5.72
C LYS A 71 -11.74 16.01 7.03
N ARG A 72 -12.58 15.36 7.81
CA ARG A 72 -13.04 15.92 9.09
C ARG A 72 -11.89 16.10 10.10
N VAL A 73 -11.02 15.10 10.21
CA VAL A 73 -9.89 15.20 11.15
C VAL A 73 -8.94 16.33 10.74
N VAL A 74 -8.70 16.46 9.44
CA VAL A 74 -7.93 17.59 8.92
C VAL A 74 -8.58 18.94 9.29
N GLU A 75 -9.89 19.05 9.06
CA GLU A 75 -10.67 20.23 9.41
C GLU A 75 -10.52 20.59 10.89
N LEU A 76 -10.71 19.59 11.74
CA LEU A 76 -10.64 19.76 13.19
C LEU A 76 -9.27 20.22 13.64
N CYS A 77 -8.23 19.63 13.06
CA CYS A 77 -6.86 20.02 13.37
C CYS A 77 -6.60 21.50 13.05
N ILE A 78 -7.07 21.94 11.88
CA ILE A 78 -6.96 23.34 11.47
C ILE A 78 -7.70 24.27 12.45
N GLU A 79 -8.92 23.89 12.82
CA GLU A 79 -9.72 24.69 13.74
CA GLU A 79 -9.74 24.66 13.75
C GLU A 79 -9.04 24.83 15.10
N VAL A 80 -8.58 23.73 15.66
CA VAL A 80 -7.95 23.72 16.98
C VAL A 80 -6.60 24.46 16.99
N ALA A 81 -5.79 24.24 15.96
CA ALA A 81 -4.48 24.90 15.85
C ALA A 81 -4.61 26.42 15.85
N ALA A 82 -5.67 26.91 15.21
CA ALA A 82 -5.97 28.35 15.15
C ALA A 82 -4.77 29.17 14.68
N LYS A 83 -4.09 28.66 13.66
CA LYS A 83 -2.97 29.33 13.00
C LYS A 83 -1.75 29.58 13.89
N ARG A 84 -1.66 28.88 15.02
CA ARG A 84 -0.54 29.04 15.95
C ARG A 84 0.74 28.39 15.42
N VAL A 85 0.59 27.22 14.82
CA VAL A 85 1.67 26.49 14.17
C VAL A 85 1.16 25.98 12.81
N PRO A 86 2.07 25.74 11.85
CA PRO A 86 1.57 25.27 10.55
C PRO A 86 0.93 23.88 10.62
N VAL A 87 -0.16 23.73 9.89
CA VAL A 87 -0.82 22.45 9.73
C VAL A 87 -0.46 21.89 8.36
N ILE A 88 0.33 20.82 8.37
CA ILE A 88 0.75 20.12 7.16
C ILE A 88 -0.16 18.91 7.02
N ALA A 89 -1.22 19.07 6.23
CA ALA A 89 -2.28 18.07 6.16
C ALA A 89 -1.89 16.84 5.36
N GLY A 90 -2.16 15.66 5.93
CA GLY A 90 -2.03 14.42 5.19
C GLY A 90 -2.97 14.41 4.01
N ALA A 91 -2.42 14.24 2.81
CA ALA A 91 -3.22 14.17 1.58
C ALA A 91 -2.71 13.05 0.67
N GLY A 92 -2.11 12.03 1.27
CA GLY A 92 -1.50 10.94 0.52
C GLY A 92 -2.49 9.90 0.04
N SER A 93 -2.23 9.39 -1.17
CA SER A 93 -2.96 8.25 -1.72
C SER A 93 -2.11 7.58 -2.78
N ASN A 94 -2.38 6.30 -3.04
CA ASN A 94 -1.77 5.60 -4.16
C ASN A 94 -2.53 5.84 -5.47
N ASN A 95 -3.61 6.62 -5.37
CA ASN A 95 -4.45 6.99 -6.49
C ASN A 95 -4.39 8.50 -6.64
N THR A 96 -3.88 8.97 -7.77
CA THR A 96 -3.67 10.41 -7.99
C THR A 96 -4.97 11.21 -7.81
N ASP A 97 -6.09 10.66 -8.29
CA ASP A 97 -7.40 11.30 -8.12
C ASP A 97 -7.74 11.54 -6.66
N GLU A 98 -7.50 10.53 -5.82
CA GLU A 98 -7.79 10.64 -4.38
C GLU A 98 -6.88 11.65 -3.70
N ALA A 99 -5.59 11.67 -4.07
CA ALA A 99 -4.64 12.63 -3.53
C ALA A 99 -5.09 14.06 -3.83
N ILE A 100 -5.49 14.31 -5.07
CA ILE A 100 -6.00 15.62 -5.49
C ILE A 100 -7.25 16.01 -4.70
N GLU A 101 -8.19 15.06 -4.56
CA GLU A 101 -9.41 15.27 -3.79
CA GLU A 101 -9.41 15.27 -3.79
C GLU A 101 -9.10 15.68 -2.35
N LEU A 102 -8.21 14.94 -1.70
CA LEU A 102 -7.82 15.24 -0.32
C LEU A 102 -7.06 16.55 -0.20
N ALA A 103 -6.19 16.82 -1.17
CA ALA A 103 -5.40 18.05 -1.22
C ALA A 103 -6.30 19.29 -1.36
N LEU A 104 -7.27 19.22 -2.27
CA LEU A 104 -8.19 20.33 -2.50
C LEU A 104 -9.05 20.62 -1.28
N HIS A 105 -9.53 19.57 -0.60
CA HIS A 105 -10.28 19.76 0.63
C HIS A 105 -9.43 20.46 1.69
N ALA A 106 -8.21 19.97 1.91
CA ALA A 106 -7.31 20.53 2.91
C ALA A 106 -7.02 22.00 2.63
N GLN A 107 -6.81 22.33 1.36
CA GLN A 107 -6.59 23.72 0.94
C GLN A 107 -7.80 24.60 1.28
N ASP A 108 -8.99 24.13 0.89
CA ASP A 108 -10.23 24.84 1.16
CA ASP A 108 -10.23 24.85 1.16
C ASP A 108 -10.48 25.02 2.66
N ALA A 109 -10.10 24.00 3.45
CA ALA A 109 -10.30 24.01 4.89
C ALA A 109 -9.32 24.92 5.64
N GLY A 110 -8.23 25.31 4.98
CA GLY A 110 -7.28 26.25 5.55
C GLY A 110 -5.96 25.67 6.00
N ALA A 111 -5.57 24.52 5.45
CA ALA A 111 -4.26 23.92 5.75
C ALA A 111 -3.14 24.81 5.23
N ASP A 112 -1.96 24.69 5.83
CA ASP A 112 -0.81 25.51 5.45
C ASP A 112 0.10 24.82 4.46
N ALA A 113 0.05 23.49 4.45
CA ALA A 113 0.84 22.67 3.53
C ALA A 113 0.21 21.29 3.41
N LEU A 114 0.78 20.47 2.53
CA LEU A 114 0.31 19.11 2.30
C LEU A 114 1.45 18.12 2.43
N LEU A 115 1.17 16.99 3.08
CA LEU A 115 2.10 15.86 3.13
C LEU A 115 1.57 14.80 2.18
N VAL A 116 2.35 14.49 1.15
CA VAL A 116 1.89 13.61 0.06
C VAL A 116 2.84 12.42 -0.11
N VAL A 117 2.36 11.24 0.26
CA VAL A 117 3.16 10.02 0.20
C VAL A 117 3.37 9.53 -1.22
N THR A 118 4.50 8.86 -1.45
CA THR A 118 4.70 8.11 -2.68
C THR A 118 3.64 7.01 -2.76
N PRO A 119 3.00 6.85 -3.94
CA PRO A 119 2.04 5.78 -4.10
C PRO A 119 2.55 4.39 -3.68
N TYR A 120 1.73 3.72 -2.88
CA TYR A 120 2.00 2.40 -2.32
C TYR A 120 1.19 1.34 -3.06
N TYR A 121 1.67 0.10 -2.96
CA TYR A 121 1.05 -1.09 -3.55
C TYR A 121 1.16 -1.22 -5.07
N ASN A 122 0.77 -0.19 -5.82
CA ASN A 122 0.75 -0.30 -7.27
C ASN A 122 2.10 -0.12 -7.99
N LYS A 123 3.12 0.29 -7.23
CA LYS A 123 4.51 0.33 -7.70
C LYS A 123 4.74 1.04 -9.05
N PRO A 124 4.48 2.36 -9.10
CA PRO A 124 4.74 3.11 -10.31
C PRO A 124 6.24 3.28 -10.60
N THR A 125 6.55 3.66 -11.83
CA THR A 125 7.92 4.00 -12.24
C THR A 125 8.29 5.38 -11.70
N GLN A 126 9.56 5.77 -11.89
CA GLN A 126 9.99 7.13 -11.54
C GLN A 126 9.20 8.18 -12.31
N LYS A 127 8.92 7.90 -13.59
CA LYS A 127 8.12 8.80 -14.40
C LYS A 127 6.67 8.87 -13.90
N GLY A 128 6.18 7.75 -13.40
CA GLY A 128 4.87 7.70 -12.75
C GLY A 128 4.82 8.53 -11.47
N LEU A 129 5.89 8.44 -10.68
CA LEU A 129 6.03 9.28 -9.49
C LEU A 129 6.04 10.75 -9.88
N PHE A 130 6.81 11.09 -10.92
CA PHE A 130 6.85 12.47 -11.40
C PHE A 130 5.46 12.95 -11.80
N ALA A 131 4.75 12.13 -12.57
CA ALA A 131 3.41 12.50 -13.03
C ALA A 131 2.43 12.69 -11.87
N HIS A 132 2.50 11.80 -10.89
CA HIS A 132 1.65 11.85 -9.70
C HIS A 132 1.82 13.15 -8.93
N PHE A 133 3.07 13.45 -8.55
CA PHE A 133 3.37 14.65 -7.79
C PHE A 133 3.13 15.94 -8.58
N SER A 134 3.41 15.89 -9.88
CA SER A 134 3.14 17.02 -10.78
CA SER A 134 3.15 17.02 -10.77
C SER A 134 1.66 17.35 -10.81
N ALA A 135 0.83 16.32 -10.94
CA ALA A 135 -0.63 16.49 -10.97
C ALA A 135 -1.16 17.12 -9.69
N VAL A 136 -0.65 16.67 -8.54
CA VAL A 136 -1.05 17.24 -7.25
C VAL A 136 -0.58 18.69 -7.14
N ALA A 137 0.69 18.94 -7.50
CA ALA A 137 1.28 20.29 -7.46
C ALA A 137 0.53 21.29 -8.32
N GLU A 138 0.08 20.86 -9.50
CA GLU A 138 -0.66 21.73 -10.42
C GLU A 138 -2.10 21.99 -9.97
N ALA A 139 -2.64 21.07 -9.17
CA ALA A 139 -4.04 21.17 -8.71
C ALA A 139 -4.22 22.14 -7.55
N VAL A 140 -3.17 22.33 -6.76
CA VAL A 140 -3.24 23.18 -5.57
C VAL A 140 -2.21 24.31 -5.60
N LYS A 141 -2.40 25.32 -4.74
CA LYS A 141 -1.43 26.40 -4.58
C LYS A 141 -0.54 26.19 -3.36
N LEU A 142 -0.97 25.33 -2.44
CA LEU A 142 -0.26 25.07 -1.19
C LEU A 142 1.12 24.42 -1.41
N PRO A 143 2.05 24.69 -0.47
CA PRO A 143 3.32 23.96 -0.47
C PRO A 143 3.13 22.47 -0.21
N ILE A 144 3.92 21.65 -0.89
CA ILE A 144 3.84 20.20 -0.78
C ILE A 144 5.14 19.62 -0.23
N VAL A 145 5.00 18.74 0.75
CA VAL A 145 6.12 17.96 1.27
C VAL A 145 5.98 16.53 0.76
N ILE A 146 6.97 16.08 0.01
CA ILE A 146 7.01 14.70 -0.49
C ILE A 146 7.34 13.76 0.66
N TYR A 147 6.52 12.72 0.83
CA TYR A 147 6.74 11.71 1.87
CA TYR A 147 6.73 11.72 1.86
C TYR A 147 7.30 10.45 1.20
N ASN A 148 8.62 10.32 1.25
CA ASN A 148 9.32 9.20 0.61
C ASN A 148 9.59 8.10 1.64
N ILE A 149 8.86 7.00 1.52
CA ILE A 149 8.93 5.92 2.52
C ILE A 149 8.98 4.53 1.86
N PRO A 150 10.16 4.16 1.33
CA PRO A 150 10.29 2.85 0.69
C PRO A 150 9.90 1.65 1.57
N PRO A 151 10.16 1.70 2.91
CA PRO A 151 9.73 0.56 3.74
C PRO A 151 8.22 0.27 3.72
N ARG A 152 7.40 1.24 3.30
CA ARG A 152 5.96 1.04 3.17
C ARG A 152 5.48 1.01 1.73
N SER A 153 6.02 1.91 0.89
CA SER A 153 5.56 2.05 -0.48
C SER A 153 6.35 1.20 -1.48
N VAL A 154 7.46 0.63 -1.02
CA VAL A 154 8.38 -0.20 -1.81
C VAL A 154 9.18 0.61 -2.83
N VAL A 155 8.47 1.35 -3.69
CA VAL A 155 9.13 2.30 -4.59
C VAL A 155 9.85 3.38 -3.78
N ASP A 156 10.82 4.01 -4.42
CA ASP A 156 11.73 4.94 -3.76
C ASP A 156 11.98 6.07 -4.73
N MET A 157 11.50 7.27 -4.40
CA MET A 157 11.77 8.43 -5.24
C MET A 157 13.24 8.78 -5.19
N SER A 158 13.90 8.70 -6.35
CA SER A 158 15.32 9.00 -6.45
C SER A 158 15.59 10.49 -6.25
N PRO A 159 16.83 10.85 -5.85
CA PRO A 159 17.17 12.27 -5.76
C PRO A 159 17.00 13.00 -7.10
N GLU A 160 17.20 12.28 -8.21
CA GLU A 160 17.05 12.86 -9.54
CA GLU A 160 17.04 12.85 -9.55
C GLU A 160 15.59 13.21 -9.83
N THR A 161 14.67 12.29 -9.52
CA THR A 161 13.24 12.53 -9.70
C THR A 161 12.78 13.67 -8.79
N MET A 162 13.26 13.66 -7.56
CA MET A 162 12.92 14.70 -6.58
C MET A 162 13.39 16.07 -7.06
N GLY A 163 14.63 16.13 -7.55
CA GLY A 163 15.20 17.34 -8.12
C GLY A 163 14.43 17.87 -9.32
N ALA A 164 13.96 16.95 -10.17
CA ALA A 164 13.15 17.32 -11.33
C ALA A 164 11.82 17.94 -10.91
N LEU A 165 11.22 17.40 -9.86
CA LEU A 165 9.95 17.93 -9.33
C LEU A 165 10.13 19.32 -8.73
N VAL A 166 11.25 19.51 -8.01
CA VAL A 166 11.59 20.81 -7.43
C VAL A 166 11.77 21.87 -8.52
N LYS A 167 12.46 21.50 -9.60
CA LYS A 167 12.70 22.41 -10.73
CA LYS A 167 12.70 22.41 -10.73
C LYS A 167 11.40 22.77 -11.44
N ALA A 168 10.52 21.78 -11.61
CA ALA A 168 9.27 21.97 -12.35
C ALA A 168 8.17 22.69 -11.57
N HIS A 169 8.17 22.55 -10.25
CA HIS A 169 7.08 23.08 -9.43
C HIS A 169 7.56 23.87 -8.22
N LYS A 170 7.24 25.16 -8.21
CA LYS A 170 7.63 26.05 -7.12
C LYS A 170 7.05 25.65 -5.77
N ASN A 171 5.90 24.98 -5.80
CA ASN A 171 5.22 24.57 -4.56
C ASN A 171 5.59 23.17 -4.04
N ILE A 172 6.57 22.53 -4.67
CA ILE A 172 7.17 21.33 -4.09
C ILE A 172 8.40 21.80 -3.31
N VAL A 173 8.23 21.85 -1.98
CA VAL A 173 9.16 22.62 -1.14
C VAL A 173 10.02 21.77 -0.20
N GLY A 174 9.67 20.51 -0.01
CA GLY A 174 10.38 19.68 0.95
C GLY A 174 10.10 18.21 0.86
N VAL A 175 10.74 17.47 1.78
CA VAL A 175 10.61 16.02 1.85
C VAL A 175 10.53 15.58 3.31
N ASP A 177 11.59 12.44 4.75
CA ASP A 177 12.48 11.41 4.24
C ASP A 177 12.55 10.24 5.23
N ALA A 178 11.87 9.15 4.87
CA ALA A 178 11.84 7.96 5.71
C ALA A 178 12.62 6.80 5.07
N THR A 179 13.66 7.13 4.30
CA THR A 179 14.51 6.10 3.71
C THR A 179 15.40 5.45 4.76
N GLY A 180 15.76 6.21 5.79
CA GLY A 180 16.72 5.75 6.80
C GLY A 180 18.15 5.71 6.28
N LYS A 181 18.36 6.34 5.13
CA LYS A 181 19.67 6.40 4.50
C LYS A 181 20.12 7.86 4.54
N LEU A 182 20.99 8.19 5.49
CA LEU A 182 21.32 9.59 5.75
CA LEU A 182 21.36 9.58 5.76
C LEU A 182 22.14 10.24 4.63
N ASP A 183 22.81 9.42 3.83
CA ASP A 183 23.51 9.91 2.64
C ASP A 183 22.52 10.49 1.62
N ARG A 184 21.25 10.08 1.71
CA ARG A 184 20.21 10.62 0.83
CA ARG A 184 20.20 10.62 0.84
C ARG A 184 19.97 12.11 1.10
N VAL A 185 20.13 12.52 2.35
CA VAL A 185 20.01 13.94 2.69
C VAL A 185 21.07 14.73 1.92
N SER A 186 22.30 14.21 1.92
CA SER A 186 23.40 14.82 1.19
C SER A 186 23.14 14.85 -0.32
N GLU A 187 22.61 13.75 -0.85
CA GLU A 187 22.28 13.67 -2.28
C GLU A 187 21.14 14.60 -2.65
N GLN A 188 20.17 14.73 -1.75
CA GLN A 188 19.03 15.62 -1.96
C GLN A 188 19.44 17.10 -1.88
N ARG A 189 20.45 17.41 -1.05
CA ARG A 189 21.05 18.75 -1.03
C ARG A 189 21.62 19.11 -2.40
N ILE A 190 22.25 18.14 -3.05
CA ILE A 190 22.83 18.34 -4.38
C ILE A 190 21.74 18.50 -5.45
N SER A 191 20.77 17.60 -5.47
CA SER A 191 19.76 17.58 -6.53
C SER A 191 18.65 18.61 -6.36
N CYS A 192 18.33 18.96 -5.11
CA CYS A 192 17.20 19.84 -4.83
C CYS A 192 17.61 21.20 -4.26
N GLY A 193 18.87 21.32 -3.84
CA GLY A 193 19.38 22.58 -3.29
C GLY A 193 19.41 22.60 -1.78
N LYS A 194 20.21 23.50 -1.23
CA LYS A 194 20.36 23.64 0.22
CA LYS A 194 20.36 23.63 0.22
C LYS A 194 19.11 24.24 0.87
N ASP A 195 18.29 24.91 0.06
CA ASP A 195 17.06 25.55 0.54
CA ASP A 195 17.06 25.56 0.52
C ASP A 195 15.86 24.61 0.57
N PHE A 196 16.02 23.42 -0.02
CA PHE A 196 14.99 22.39 0.02
C PHE A 196 14.80 21.92 1.46
N ILE A 197 13.54 21.90 1.91
CA ILE A 197 13.24 21.59 3.31
C ILE A 197 13.24 20.08 3.56
N GLN A 198 14.25 19.60 4.29
CA GLN A 198 14.35 18.17 4.58
C GLN A 198 13.99 17.88 6.03
N LEU A 199 12.98 17.02 6.20
CA LEU A 199 12.49 16.65 7.51
C LEU A 199 12.61 15.15 7.67
N SER A 200 13.10 14.71 8.82
CA SER A 200 13.27 13.28 9.06
C SER A 200 11.92 12.59 9.17
N GLY A 201 11.81 11.44 8.51
CA GLY A 201 10.65 10.57 8.65
C GLY A 201 10.87 9.44 9.63
N GLU A 202 12.02 9.47 10.31
CA GLU A 202 12.39 8.47 11.30
CA GLU A 202 12.41 8.46 11.29
C GLU A 202 12.87 9.14 12.58
N ASP A 203 12.22 8.82 13.69
CA ASP A 203 12.58 9.40 14.99
C ASP A 203 13.98 9.04 15.45
N SER A 204 14.36 7.78 15.24
CA SER A 204 15.60 7.26 15.82
C SER A 204 16.85 7.81 15.14
N THR A 205 16.70 8.38 13.95
CA THR A 205 17.83 8.95 13.21
C THR A 205 17.64 10.44 12.90
N ALA A 206 16.67 11.07 13.57
CA ALA A 206 16.45 12.51 13.45
C ALA A 206 17.70 13.32 13.79
N LEU A 207 18.49 12.81 14.73
CA LEU A 207 19.75 13.40 15.16
C LEU A 207 20.75 13.52 14.01
N GLY A 208 21.11 12.38 13.42
CA GLY A 208 22.03 12.37 12.29
C GLY A 208 21.47 13.06 11.06
N PHE A 209 20.15 12.98 10.91
CA PHE A 209 19.44 13.59 9.79
C PHE A 209 19.67 15.11 9.74
N ASN A 210 19.51 15.77 10.89
CA ASN A 210 19.77 17.20 10.96
C ASN A 210 21.24 17.57 10.79
N ALA A 211 22.13 16.72 11.28
CA ALA A 211 23.58 16.91 11.08
C ALA A 211 23.91 16.96 9.59
N HIS A 212 23.19 16.16 8.79
CA HIS A 212 23.37 16.14 7.34
C HIS A 212 22.67 17.28 6.59
N GLY A 213 21.90 18.11 7.31
CA GLY A 213 21.25 19.26 6.69
C GLY A 213 19.75 19.35 6.89
N GLY A 214 19.18 18.35 7.57
CA GLY A 214 17.75 18.39 7.93
C GLY A 214 17.44 19.54 8.86
N VAL A 215 16.18 19.97 8.87
CA VAL A 215 15.75 21.10 9.71
C VAL A 215 14.61 20.74 10.65
N GLY A 216 14.33 19.44 10.77
CA GLY A 216 13.28 18.98 11.67
C GLY A 216 12.92 17.53 11.45
N CYS A 217 11.83 17.11 12.10
CA CYS A 217 11.37 15.73 12.03
C CYS A 217 9.85 15.71 12.11
N ILE A 218 9.22 15.02 11.16
CA ILE A 218 7.80 14.69 11.31
C ILE A 218 7.77 13.37 12.07
N SER A 219 7.24 13.45 13.29
CA SER A 219 7.62 12.56 14.37
C SER A 219 6.46 11.74 14.96
N VAL A 220 6.74 10.46 15.21
CA VAL A 220 5.80 9.60 15.90
C VAL A 220 5.96 9.80 17.42
N SER A 221 7.20 9.78 17.88
CA SER A 221 7.51 9.91 19.31
C SER A 221 7.04 11.23 19.94
N ALA A 222 6.95 12.27 19.13
CA ALA A 222 6.47 13.57 19.61
C ALA A 222 5.04 13.48 20.17
N ASN A 223 4.27 12.49 19.71
CA ASN A 223 2.95 12.24 20.28
C ASN A 223 3.01 11.95 21.77
N VAL A 224 4.08 11.28 22.20
CA VAL A 224 4.25 10.85 23.59
C VAL A 224 5.05 11.84 24.42
N ALA A 225 6.11 12.40 23.82
CA ALA A 225 7.01 13.30 24.53
C ALA A 225 7.24 14.60 23.75
N PRO A 226 6.18 15.42 23.59
CA PRO A 226 6.30 16.61 22.76
C PRO A 226 7.31 17.65 23.27
N ARG A 227 7.39 17.84 24.59
CA ARG A 227 8.34 18.82 25.14
CA ARG A 227 8.33 18.81 25.16
C ARG A 227 9.78 18.39 24.91
N LEU A 228 10.10 17.14 25.26
CA LEU A 228 11.46 16.63 25.09
C LEU A 228 11.87 16.63 23.61
N CYS A 229 10.94 16.24 22.74
CA CYS A 229 11.23 16.24 21.30
C CYS A 229 11.44 17.65 20.75
N SER A 230 10.65 18.62 21.22
CA SER A 230 10.82 20.02 20.82
CA SER A 230 10.82 20.01 20.80
C SER A 230 12.15 20.59 21.29
N GLU A 231 12.53 20.26 22.52
CA GLU A 231 13.80 20.72 23.08
C GLU A 231 14.99 20.09 22.36
N PHE A 232 14.84 18.82 21.99
CA PHE A 232 15.83 18.07 21.20
C PHE A 232 16.07 18.77 19.85
N GLN A 233 14.99 19.10 19.16
CA GLN A 233 15.07 19.82 17.90
C GLN A 233 15.63 21.23 18.07
N ALA A 234 15.24 21.91 19.14
CA ALA A 234 15.75 23.25 19.42
C ALA A 234 17.27 23.24 19.62
N ALA A 235 17.78 22.23 20.31
CA ALA A 235 19.21 22.07 20.53
C ALA A 235 19.98 21.96 19.20
N MET A 236 19.44 21.17 18.28
CA MET A 236 20.08 21.01 16.96
C MET A 236 20.02 22.28 16.14
N LEU A 237 18.91 23.01 16.23
CA LEU A 237 18.79 24.32 15.56
C LEU A 237 19.84 25.30 16.06
N ALA A 238 20.13 25.24 17.36
CA ALA A 238 21.14 26.09 17.99
C ALA A 238 22.56 25.61 17.71
N GLY A 239 22.69 24.45 17.07
CA GLY A 239 24.00 23.87 16.78
C GLY A 239 24.62 23.14 17.96
N ASP A 240 23.83 22.93 19.00
CA ASP A 240 24.29 22.26 20.22
C ASP A 240 24.05 20.76 20.12
N TYR A 241 24.91 20.09 19.35
CA TYR A 241 24.76 18.66 19.11
C TYR A 241 25.13 17.79 20.30
N ALA A 242 25.97 18.33 21.20
CA ALA A 242 26.27 17.63 22.45
C ALA A 242 25.01 17.50 23.31
N LYS A 243 24.26 18.60 23.42
CA LYS A 243 22.98 18.59 24.13
C LYS A 243 21.98 17.67 23.42
N ALA A 244 21.94 17.74 22.09
CA ALA A 244 21.05 16.89 21.30
C ALA A 244 21.30 15.41 21.58
N LEU A 245 22.57 15.03 21.69
CA LEU A 245 22.93 13.66 22.03
C LEU A 245 22.43 13.24 23.42
N GLU A 246 22.44 14.18 24.37
CA GLU A 246 21.86 13.93 25.69
C GLU A 246 20.37 13.60 25.60
N TYR A 247 19.65 14.33 24.75
CA TYR A 247 18.24 14.01 24.48
C TYR A 247 18.06 12.66 23.82
N GLN A 248 18.94 12.33 22.87
CA GLN A 248 18.93 11.02 22.22
C GLN A 248 19.12 9.89 23.24
N ASP A 249 20.06 10.08 24.18
CA ASP A 249 20.25 9.11 25.27
C ASP A 249 18.96 8.89 26.06
N ARG A 250 18.23 9.99 26.27
CA ARG A 250 17.00 9.99 27.06
C ARG A 250 15.82 9.39 26.30
N LEU A 251 15.79 9.61 24.98
CA LEU A 251 14.63 9.27 24.15
C LEU A 251 14.75 7.99 23.30
N MET A 252 15.98 7.56 23.01
CA MET A 252 16.18 6.40 22.14
C MET A 252 15.43 5.12 22.58
N PRO A 253 15.45 4.79 23.90
CA PRO A 253 14.68 3.61 24.28
C PRO A 253 13.19 3.70 23.92
N LEU A 254 12.63 4.91 24.01
CA LEU A 254 11.23 5.13 23.61
C LEU A 254 11.05 5.01 22.10
N HIS A 255 11.93 5.64 21.32
CA HIS A 255 11.89 5.52 19.86
C HIS A 255 11.85 4.05 19.43
N ARG A 256 12.72 3.25 20.05
CA ARG A 256 12.83 1.83 19.72
C ARG A 256 11.60 1.05 20.18
N ALA A 257 11.18 1.27 21.42
CA ALA A 257 10.09 0.49 22.01
C ALA A 257 8.75 0.68 21.29
N ILE A 258 8.46 1.92 20.89
CA ILE A 258 7.24 2.29 20.17
CA ILE A 258 7.18 2.16 20.24
C ILE A 258 7.08 1.52 18.85
N PHE A 259 8.22 1.16 18.26
CA PHE A 259 8.23 0.49 16.95
C PHE A 259 8.56 -1.01 16.95
N MET A 260 8.60 -1.63 18.12
CA MET A 260 8.75 -3.09 18.21
C MET A 260 7.58 -3.76 17.50
N GLU A 261 6.39 -3.20 17.68
CA GLU A 261 5.21 -3.53 16.90
C GLU A 261 4.79 -2.22 16.20
N PRO A 262 3.70 -2.22 15.42
CA PRO A 262 3.38 -0.98 14.69
C PRO A 262 3.39 0.27 15.58
N GLY A 263 4.02 1.32 15.09
CA GLY A 263 4.20 2.57 15.82
C GLY A 263 2.93 3.19 16.36
N VAL A 264 1.85 3.09 15.57
CA VAL A 264 0.53 3.59 16.00
C VAL A 264 0.14 2.94 17.33
N CYS A 265 0.32 1.62 17.40
CA CYS A 265 -0.09 0.84 18.56
C CYS A 265 0.85 1.05 19.74
N GLY A 266 2.16 1.13 19.47
CA GLY A 266 3.13 1.46 20.52
C GLY A 266 2.86 2.82 21.14
N THR A 267 2.56 3.80 20.28
CA THR A 267 2.28 5.17 20.71
C THR A 267 1.02 5.26 21.54
N LYS A 268 -0.06 4.61 21.09
CA LYS A 268 -1.31 4.62 21.83
C LYS A 268 -1.19 3.91 23.17
N TYR A 269 -0.38 2.85 23.24
CA TYR A 269 -0.10 2.23 24.53
C TYR A 269 0.64 3.18 25.46
N ALA A 270 1.69 3.82 24.95
CA ALA A 270 2.48 4.77 25.74
C ALA A 270 1.58 5.87 26.30
N LEU A 271 0.72 6.41 25.45
CA LEU A 271 -0.22 7.47 25.87
C LEU A 271 -1.29 6.96 26.81
N SER A 272 -1.66 5.69 26.71
CA SER A 272 -2.60 5.09 27.66
C SER A 272 -2.01 5.08 29.07
N LYS A 273 -0.69 4.88 29.15
CA LYS A 273 0.01 4.87 30.43
C LYS A 273 0.24 6.27 31.01
N THR A 274 0.64 7.21 30.17
CA THR A 274 1.00 8.56 30.64
C THR A 274 -0.22 9.46 30.81
N ARG A 275 -1.20 9.32 29.92
CA ARG A 275 -2.31 10.28 29.84
C ARG A 275 -3.69 9.63 29.80
N GLY A 276 -3.73 8.31 29.87
CA GLY A 276 -4.99 7.57 29.88
C GLY A 276 -5.74 7.60 28.56
N CYS A 277 -5.01 7.77 27.46
CA CYS A 277 -5.61 7.75 26.13
C CYS A 277 -6.11 6.35 25.78
N ASN A 278 -7.08 6.28 24.87
CA ASN A 278 -7.64 5.01 24.43
CA ASN A 278 -7.65 5.01 24.41
C ASN A 278 -6.67 4.28 23.50
N ARG A 279 -6.57 2.97 23.66
CA ARG A 279 -5.68 2.15 22.84
C ARG A 279 -6.31 1.70 21.53
N LYS A 280 -7.60 1.97 21.37
CA LYS A 280 -8.35 1.53 20.19
C LYS A 280 -7.71 2.00 18.89
N VAL A 281 -7.50 1.04 17.99
CA VAL A 281 -7.07 1.28 16.61
C VAL A 281 -8.02 0.52 15.69
N ARG A 282 -7.93 0.79 14.39
CA ARG A 282 -8.77 0.07 13.43
C ARG A 282 -8.01 -1.07 12.74
N SER A 283 -8.69 -2.21 12.61
CA SER A 283 -8.16 -3.39 11.94
C SER A 283 -7.68 -3.00 10.53
N PRO A 284 -6.51 -3.53 10.09
CA PRO A 284 -5.71 -4.64 10.62
C PRO A 284 -4.71 -4.30 11.74
N LEU A 285 -4.71 -3.06 12.22
CA LEU A 285 -3.93 -2.75 13.42
C LEU A 285 -4.66 -3.32 14.63
N MET A 286 -3.91 -3.65 15.68
CA MET A 286 -4.46 -4.29 16.87
C MET A 286 -4.40 -3.38 18.09
N SER A 287 -5.44 -3.45 18.92
CA SER A 287 -5.53 -2.63 20.13
C SER A 287 -4.67 -3.18 21.27
N THR A 288 -4.05 -4.34 21.02
CA THR A 288 -3.22 -5.04 21.99
C THR A 288 -1.78 -5.14 21.50
N LEU A 289 -0.87 -5.41 22.44
CA LEU A 289 0.55 -5.63 22.15
C LEU A 289 1.04 -6.84 22.95
N GLU A 290 2.19 -7.37 22.56
CA GLU A 290 2.83 -8.45 23.32
C GLU A 290 3.31 -7.92 24.68
N PRO A 291 3.28 -8.78 25.72
CA PRO A 291 3.79 -8.40 27.05
C PRO A 291 5.19 -7.78 27.02
N ALA A 292 6.10 -8.34 26.23
CA ALA A 292 7.48 -7.83 26.15
C ALA A 292 7.55 -6.42 25.54
N THR A 293 6.66 -6.14 24.60
CA THR A 293 6.57 -4.80 24.00
C THR A 293 6.10 -3.79 25.03
N GLU A 294 5.04 -4.14 25.76
CA GLU A 294 4.52 -3.27 26.81
C GLU A 294 5.55 -3.01 27.90
N ALA A 295 6.28 -4.06 28.30
CA ALA A 295 7.34 -3.94 29.29
C ALA A 295 8.46 -3.00 28.81
N ALA A 296 8.82 -3.12 27.53
CA ALA A 296 9.86 -2.27 26.94
C ALA A 296 9.42 -0.80 26.88
N ILE A 297 8.16 -0.57 26.54
CA ILE A 297 7.61 0.79 26.51
C ILE A 297 7.57 1.37 27.92
N ASP A 298 7.09 0.58 28.89
CA ASP A 298 7.09 0.99 30.30
C ASP A 298 8.49 1.43 30.74
N ALA A 299 9.49 0.58 30.47
CA ALA A 299 10.87 0.87 30.84
C ALA A 299 11.40 2.15 30.17
N ALA A 300 11.05 2.33 28.90
CA ALA A 300 11.46 3.51 28.13
C ALA A 300 10.84 4.79 28.68
N LEU A 301 9.56 4.71 29.07
CA LEU A 301 8.87 5.86 29.65
C LEU A 301 9.52 6.28 30.98
N LYS A 302 9.89 5.29 31.79
CA LYS A 302 10.57 5.52 33.05
CA LYS A 302 10.57 5.54 33.05
C LYS A 302 11.94 6.16 32.82
N HIS A 303 12.67 5.63 31.84
CA HIS A 303 13.99 6.15 31.48
C HIS A 303 13.93 7.61 31.03
N ALA A 304 12.89 7.95 30.27
CA ALA A 304 12.68 9.31 29.76
C ALA A 304 12.14 10.27 30.83
N GLY A 305 11.69 9.72 31.95
CA GLY A 305 11.13 10.52 33.04
C GLY A 305 9.65 10.84 32.88
N LEU A 306 8.97 10.08 32.03
CA LEU A 306 7.55 10.31 31.76
C LEU A 306 6.65 9.47 32.67
N MET A 307 7.26 8.47 33.30
CA MET A 307 6.59 7.64 34.31
CA MET A 307 6.59 7.64 34.31
C MET A 307 7.54 7.39 35.48
N ASN A 308 6.98 7.18 36.66
CA ASN A 308 7.78 6.88 37.84
C ASN A 308 8.19 5.40 37.90
N MET B 15 -12.65 -26.94 -8.94
CA MET B 15 -13.36 -25.70 -9.38
C MET B 15 -12.41 -24.52 -9.64
N PHE B 16 -11.54 -24.22 -8.67
CA PHE B 16 -10.56 -23.15 -8.83
C PHE B 16 -9.21 -23.74 -9.23
N LYS B 17 -8.93 -23.74 -10.53
CA LYS B 17 -7.72 -24.34 -11.08
C LYS B 17 -7.41 -23.80 -12.48
N GLY B 18 -6.23 -24.13 -12.99
CA GLY B 18 -5.86 -23.81 -14.37
C GLY B 18 -5.42 -22.38 -14.57
N SER B 19 -5.68 -21.86 -15.77
CA SER B 19 -5.27 -20.51 -16.13
C SER B 19 -6.40 -19.51 -15.85
N ILE B 20 -6.13 -18.63 -14.89
CA ILE B 20 -7.14 -17.69 -14.38
C ILE B 20 -6.61 -16.26 -14.55
N PRO B 21 -7.04 -15.56 -15.62
CA PRO B 21 -6.52 -14.20 -15.80
C PRO B 21 -6.94 -13.25 -14.69
N ALA B 22 -5.97 -12.47 -14.20
CA ALA B 22 -6.27 -11.28 -13.43
C ALA B 22 -6.57 -10.22 -14.48
N LEU B 23 -7.85 -10.03 -14.75
CA LEU B 23 -8.31 -9.25 -15.89
C LEU B 23 -7.90 -7.78 -15.80
N ILE B 24 -7.38 -7.24 -16.90
CA ILE B 24 -7.24 -5.79 -17.02
C ILE B 24 -8.62 -5.13 -16.98
N THR B 25 -8.65 -3.87 -16.55
CA THR B 25 -9.83 -3.04 -16.66
C THR B 25 -9.54 -2.00 -17.74
N PRO B 26 -10.14 -2.17 -18.93
CA PRO B 26 -9.95 -1.20 -20.00
C PRO B 26 -10.65 0.11 -19.68
N PHE B 27 -10.02 1.22 -20.07
CA PHE B 27 -10.59 2.55 -19.90
C PHE B 27 -10.74 3.23 -21.25
N THR B 28 -11.73 4.12 -21.34
CA THR B 28 -11.82 5.03 -22.48
C THR B 28 -10.93 6.24 -22.23
N ASP B 29 -10.84 7.14 -23.21
CA ASP B 29 -9.87 8.25 -23.14
C ASP B 29 -10.15 9.30 -22.06
N ASN B 30 -11.39 9.34 -21.58
CA ASN B 30 -11.74 10.18 -20.44
C ASN B 30 -11.40 9.52 -19.09
N GLY B 31 -10.84 8.32 -19.15
CA GLY B 31 -10.44 7.57 -17.95
C GLY B 31 -11.51 6.68 -17.35
N ALA B 32 -12.73 6.76 -17.87
CA ALA B 32 -13.85 5.96 -17.35
C ALA B 32 -13.69 4.50 -17.75
N VAL B 33 -14.28 3.61 -16.94
CA VAL B 33 -14.32 2.19 -17.27
C VAL B 33 -14.99 2.00 -18.63
N ASP B 34 -14.36 1.21 -19.49
CA ASP B 34 -14.92 0.86 -20.79
C ASP B 34 -15.62 -0.49 -20.68
N GLU B 35 -16.93 -0.44 -20.44
CA GLU B 35 -17.72 -1.65 -20.21
C GLU B 35 -17.78 -2.55 -21.44
N GLN B 36 -17.87 -1.94 -22.63
CA GLN B 36 -17.90 -2.70 -23.88
C GLN B 36 -16.61 -3.48 -24.08
N ALA B 37 -15.47 -2.81 -23.91
CA ALA B 37 -14.17 -3.44 -24.07
C ALA B 37 -13.93 -4.52 -23.01
N PHE B 38 -14.35 -4.25 -21.78
CA PHE B 38 -14.21 -5.23 -20.71
C PHE B 38 -15.00 -6.50 -21.01
N ALA B 39 -16.24 -6.34 -21.45
CA ALA B 39 -17.09 -7.48 -21.79
C ALA B 39 -16.50 -8.29 -22.93
N ALA B 40 -16.01 -7.61 -23.96
CA ALA B 40 -15.38 -8.27 -25.10
C ALA B 40 -14.14 -9.06 -24.68
N HIS B 41 -13.37 -8.49 -23.75
CA HIS B 41 -12.17 -9.14 -23.23
C HIS B 41 -12.54 -10.42 -22.48
N VAL B 42 -13.55 -10.34 -21.61
CA VAL B 42 -14.02 -11.50 -20.85
C VAL B 42 -14.54 -12.62 -21.78
N GLU B 43 -15.35 -12.26 -22.78
CA GLU B 43 -15.87 -13.22 -23.77
CA GLU B 43 -15.87 -13.23 -23.74
C GLU B 43 -14.73 -13.94 -24.46
N TRP B 44 -13.73 -13.17 -24.90
CA TRP B 44 -12.58 -13.71 -25.61
C TRP B 44 -11.74 -14.63 -24.72
N GLN B 45 -11.54 -14.22 -23.45
CA GLN B 45 -10.83 -15.03 -22.48
C GLN B 45 -11.45 -16.42 -22.32
N ILE B 46 -12.78 -16.45 -22.13
CA ILE B 46 -13.50 -17.70 -21.96
C ILE B 46 -13.43 -18.55 -23.24
N ALA B 47 -13.66 -17.91 -24.39
CA ALA B 47 -13.61 -18.60 -25.68
C ALA B 47 -12.24 -19.23 -25.95
N GLU B 48 -11.17 -18.57 -25.49
CA GLU B 48 -9.81 -19.04 -25.74
C GLU B 48 -9.32 -20.09 -24.73
N GLY B 49 -10.09 -20.32 -23.67
CA GLY B 49 -9.81 -21.43 -22.76
C GLY B 49 -9.47 -21.10 -21.32
N SER B 50 -9.59 -19.84 -20.93
CA SER B 50 -9.36 -19.45 -19.54
C SER B 50 -10.33 -20.19 -18.60
N ASN B 51 -9.80 -20.67 -17.48
CA ASN B 51 -10.54 -21.58 -16.60
C ASN B 51 -11.24 -20.88 -15.43
N GLY B 52 -11.07 -19.57 -15.34
CA GLY B 52 -11.67 -18.77 -14.28
C GLY B 52 -11.33 -17.32 -14.54
N LEU B 53 -11.87 -16.41 -13.73
CA LEU B 53 -11.70 -14.98 -13.94
C LEU B 53 -11.51 -14.24 -12.62
N VAL B 54 -10.52 -13.36 -12.58
CA VAL B 54 -10.34 -12.46 -11.44
C VAL B 54 -10.52 -11.00 -11.90
N PRO B 55 -11.72 -10.45 -11.67
CA PRO B 55 -11.93 -9.02 -11.93
C PRO B 55 -11.43 -8.18 -10.75
N VAL B 56 -10.85 -7.03 -11.08
CA VAL B 56 -10.40 -6.04 -10.09
C VAL B 56 -9.39 -6.62 -9.08
N GLY B 57 -8.40 -7.33 -9.61
CA GLY B 57 -7.18 -7.64 -8.86
C GLY B 57 -6.21 -6.47 -9.04
N THR B 58 -4.93 -6.73 -8.77
CA THR B 58 -3.89 -5.71 -9.00
C THR B 58 -3.88 -5.29 -10.47
N THR B 59 -3.92 -6.29 -11.35
CA THR B 59 -3.84 -6.06 -12.79
C THR B 59 -5.09 -5.34 -13.32
N GLY B 60 -6.19 -5.43 -12.57
CA GLY B 60 -7.42 -4.70 -12.91
C GLY B 60 -7.45 -3.28 -12.38
N GLU B 61 -6.31 -2.81 -11.88
CA GLU B 61 -6.15 -1.45 -11.35
C GLU B 61 -7.09 -1.12 -10.19
N SER B 62 -7.28 -2.10 -9.31
CA SER B 62 -8.08 -1.93 -8.11
CA SER B 62 -8.09 -1.92 -8.11
C SER B 62 -7.74 -0.65 -7.33
N PRO B 63 -6.42 -0.31 -7.21
CA PRO B 63 -6.13 0.90 -6.42
C PRO B 63 -6.71 2.21 -6.95
N THR B 64 -6.92 2.31 -8.26
CA THR B 64 -7.35 3.59 -8.84
C THR B 64 -8.83 3.65 -9.22
N LEU B 65 -9.56 2.58 -8.92
CA LEU B 65 -11.01 2.59 -9.07
C LEU B 65 -11.65 3.11 -7.79
N SER B 66 -12.78 3.80 -7.92
CA SER B 66 -13.60 4.12 -6.76
C SER B 66 -14.29 2.84 -6.29
N HIS B 67 -14.88 2.87 -5.11
CA HIS B 67 -15.67 1.73 -4.64
C HIS B 67 -16.79 1.37 -5.60
N ASP B 68 -17.52 2.39 -6.08
CA ASP B 68 -18.58 2.19 -7.05
C ASP B 68 -18.09 1.51 -8.32
N GLU B 69 -16.97 1.98 -8.85
CA GLU B 69 -16.38 1.41 -10.06
C GLU B 69 -15.89 -0.02 -9.85
N HIS B 70 -15.21 -0.25 -8.73
CA HIS B 70 -14.78 -1.59 -8.33
C HIS B 70 -15.95 -2.56 -8.34
N LYS B 71 -17.03 -2.17 -7.66
CA LYS B 71 -18.22 -2.99 -7.54
C LYS B 71 -18.88 -3.24 -8.91
N ARG B 72 -18.92 -2.21 -9.75
CA ARG B 72 -19.50 -2.32 -11.08
C ARG B 72 -18.72 -3.28 -11.99
N VAL B 73 -17.39 -3.21 -11.96
CA VAL B 73 -16.58 -4.11 -12.78
C VAL B 73 -16.78 -5.57 -12.36
N VAL B 74 -16.85 -5.80 -11.05
CA VAL B 74 -17.15 -7.13 -10.52
C VAL B 74 -18.52 -7.63 -11.02
N GLU B 75 -19.55 -6.78 -10.88
CA GLU B 75 -20.90 -7.08 -11.39
C GLU B 75 -20.88 -7.46 -12.86
N LEU B 76 -20.22 -6.64 -13.68
CA LEU B 76 -20.18 -6.84 -15.12
C LEU B 76 -19.48 -8.15 -15.47
N CYS B 77 -18.39 -8.46 -14.78
CA CYS B 77 -17.66 -9.70 -15.00
C CYS B 77 -18.56 -10.91 -14.75
N ILE B 78 -19.30 -10.88 -13.64
CA ILE B 78 -20.26 -11.93 -13.29
C ILE B 78 -21.33 -12.09 -14.37
N GLU B 79 -21.88 -10.95 -14.82
CA GLU B 79 -22.90 -10.94 -15.87
CA GLU B 79 -22.90 -10.94 -15.88
C GLU B 79 -22.41 -11.58 -17.17
N VAL B 80 -21.25 -11.14 -17.64
CA VAL B 80 -20.69 -11.62 -18.91
C VAL B 80 -20.26 -13.09 -18.83
N ALA B 81 -19.68 -13.49 -17.70
CA ALA B 81 -19.25 -14.88 -17.49
C ALA B 81 -20.40 -15.86 -17.64
N ALA B 82 -21.59 -15.47 -17.15
CA ALA B 82 -22.80 -16.29 -17.21
C ALA B 82 -22.57 -17.71 -16.68
N LYS B 83 -21.87 -17.78 -15.55
CA LYS B 83 -21.58 -19.03 -14.83
CA LYS B 83 -21.59 -19.04 -14.83
C LYS B 83 -20.79 -20.06 -15.62
N ARG B 84 -20.15 -19.64 -16.71
CA ARG B 84 -19.35 -20.53 -17.55
C ARG B 84 -18.06 -20.98 -16.87
N VAL B 85 -17.43 -20.06 -16.16
CA VAL B 85 -16.22 -20.33 -15.38
C VAL B 85 -16.35 -19.57 -14.05
N PRO B 86 -15.64 -20.02 -12.99
CA PRO B 86 -15.76 -19.31 -11.73
C PRO B 86 -15.21 -17.88 -11.77
N VAL B 87 -15.93 -16.98 -11.11
CA VAL B 87 -15.50 -15.59 -10.96
C VAL B 87 -15.00 -15.41 -9.53
N ILE B 88 -13.70 -15.21 -9.40
CA ILE B 88 -13.04 -14.97 -8.12
C ILE B 88 -12.83 -13.47 -8.01
N ALA B 89 -13.75 -12.79 -7.34
CA ALA B 89 -13.80 -11.33 -7.33
C ALA B 89 -12.74 -10.72 -6.43
N GLY B 90 -12.02 -9.73 -6.96
CA GLY B 90 -11.12 -8.92 -6.13
C GLY B 90 -11.89 -8.21 -5.05
N ALA B 91 -11.50 -8.41 -3.79
CA ALA B 91 -12.14 -7.76 -2.66
C ALA B 91 -11.12 -7.27 -1.64
N GLY B 92 -9.89 -7.05 -2.11
CA GLY B 92 -8.78 -6.69 -1.23
C GLY B 92 -8.75 -5.23 -0.82
N SER B 93 -8.30 -4.99 0.41
CA SER B 93 -8.05 -3.65 0.93
C SER B 93 -7.10 -3.73 2.10
N ASN B 94 -6.42 -2.62 2.39
CA ASN B 94 -5.59 -2.52 3.58
C ASN B 94 -6.42 -2.09 4.80
N ASN B 95 -7.71 -1.85 4.56
CA ASN B 95 -8.67 -1.49 5.60
C ASN B 95 -9.72 -2.61 5.68
N THR B 96 -9.79 -3.27 6.84
CA THR B 96 -10.70 -4.40 7.02
C THR B 96 -12.16 -4.07 6.70
N ASP B 97 -12.58 -2.85 7.06
CA ASP B 97 -13.94 -2.38 6.78
CA ASP B 97 -13.93 -2.39 6.78
C ASP B 97 -14.21 -2.38 5.27
N GLU B 98 -13.25 -1.89 4.49
CA GLU B 98 -13.41 -1.82 3.04
C GLU B 98 -13.41 -3.21 2.40
N ALA B 99 -12.55 -4.09 2.90
CA ALA B 99 -12.52 -5.48 2.41
C ALA B 99 -13.87 -6.16 2.62
N ILE B 100 -14.45 -5.97 3.81
CA ILE B 100 -15.76 -6.54 4.13
C ILE B 100 -16.85 -5.96 3.20
N GLU B 101 -16.83 -4.64 3.00
CA GLU B 101 -17.77 -3.96 2.12
CA GLU B 101 -17.77 -3.96 2.12
C GLU B 101 -17.71 -4.52 0.69
N LEU B 102 -16.49 -4.65 0.16
CA LEU B 102 -16.29 -5.16 -1.19
C LEU B 102 -16.66 -6.64 -1.32
N ALA B 103 -16.32 -7.41 -0.29
CA ALA B 103 -16.64 -8.84 -0.24
C ALA B 103 -18.15 -9.09 -0.22
N LEU B 104 -18.87 -8.32 0.60
CA LEU B 104 -20.32 -8.44 0.70
C LEU B 104 -21.02 -8.07 -0.60
N HIS B 105 -20.53 -7.02 -1.27
CA HIS B 105 -21.09 -6.67 -2.58
C HIS B 105 -20.89 -7.80 -3.59
N ALA B 106 -19.66 -8.31 -3.67
CA ALA B 106 -19.32 -9.38 -4.61
C ALA B 106 -20.19 -10.62 -4.39
N GLN B 107 -20.41 -10.96 -3.12
CA GLN B 107 -21.27 -12.08 -2.75
C GLN B 107 -22.71 -11.86 -3.24
N ASP B 108 -23.27 -10.68 -2.94
CA ASP B 108 -24.62 -10.32 -3.35
CA ASP B 108 -24.62 -10.32 -3.35
C ASP B 108 -24.76 -10.31 -4.88
N ALA B 109 -23.69 -9.91 -5.56
CA ALA B 109 -23.67 -9.82 -7.02
C ALA B 109 -23.57 -11.18 -7.72
N GLY B 110 -23.17 -12.21 -6.97
CA GLY B 110 -23.11 -13.56 -7.51
C GLY B 110 -21.72 -14.11 -7.81
N ALA B 111 -20.70 -13.54 -7.17
CA ALA B 111 -19.33 -14.05 -7.30
C ALA B 111 -19.24 -15.47 -6.72
N ASP B 112 -18.30 -16.26 -7.25
CA ASP B 112 -18.11 -17.63 -6.81
C ASP B 112 -17.07 -17.74 -5.70
N ALA B 113 -16.18 -16.76 -5.62
CA ALA B 113 -15.14 -16.71 -4.60
C ALA B 113 -14.62 -15.29 -4.48
N LEU B 114 -13.73 -15.08 -3.51
CA LEU B 114 -13.11 -13.79 -3.27
C LEU B 114 -11.59 -13.89 -3.25
N LEU B 115 -10.94 -12.91 -3.87
CA LEU B 115 -9.49 -12.77 -3.77
C LEU B 115 -9.19 -11.62 -2.83
N VAL B 116 -8.54 -11.92 -1.71
CA VAL B 116 -8.33 -10.95 -0.64
C VAL B 116 -6.83 -10.78 -0.33
N VAL B 117 -6.30 -9.61 -0.69
CA VAL B 117 -4.88 -9.31 -0.52
C VAL B 117 -4.51 -9.04 0.94
N THR B 118 -3.27 -9.36 1.30
CA THR B 118 -2.71 -8.93 2.57
C THR B 118 -2.67 -7.40 2.60
N PRO B 119 -3.10 -6.79 3.73
CA PRO B 119 -3.04 -5.34 3.85
C PRO B 119 -1.67 -4.75 3.53
N TYR B 120 -1.69 -3.72 2.68
CA TYR B 120 -0.52 -3.01 2.19
C TYR B 120 -0.39 -1.66 2.89
N TYR B 121 0.82 -1.12 2.88
CA TYR B 121 1.18 0.18 3.47
C TYR B 121 1.22 0.22 5.00
N ASN B 122 0.15 -0.21 5.67
CA ASN B 122 0.08 -0.05 7.12
C ASN B 122 0.84 -1.09 7.95
N LYS B 123 1.32 -2.14 7.27
CA LYS B 123 2.22 -3.16 7.86
C LYS B 123 1.75 -3.76 9.19
N PRO B 124 0.63 -4.49 9.15
CA PRO B 124 0.16 -5.16 10.36
C PRO B 124 1.06 -6.33 10.76
N THR B 125 0.90 -6.78 12.01
CA THR B 125 1.58 -7.96 12.52
C THR B 125 0.91 -9.22 11.99
N GLN B 126 1.51 -10.38 12.26
CA GLN B 126 0.89 -11.67 11.92
C GLN B 126 -0.49 -11.81 12.57
N LYS B 127 -0.60 -11.36 13.83
CA LYS B 127 -1.88 -11.38 14.53
C LYS B 127 -2.90 -10.43 13.90
N GLY B 128 -2.41 -9.28 13.42
CA GLY B 128 -3.24 -8.36 12.64
C GLY B 128 -3.74 -8.98 11.35
N LEU B 129 -2.85 -9.70 10.66
CA LEU B 129 -3.24 -10.44 9.45
C LEU B 129 -4.32 -11.47 9.78
N PHE B 130 -4.11 -12.22 10.87
CA PHE B 130 -5.10 -13.20 11.29
C PHE B 130 -6.45 -12.53 11.54
N ALA B 131 -6.45 -11.44 12.31
CA ALA B 131 -7.67 -10.70 12.62
C ALA B 131 -8.38 -10.19 11.37
N HIS B 132 -7.61 -9.64 10.43
CA HIS B 132 -8.13 -9.12 9.18
C HIS B 132 -8.87 -10.20 8.37
N PHE B 133 -8.16 -11.30 8.09
CA PHE B 133 -8.75 -12.38 7.30
C PHE B 133 -9.88 -13.11 8.01
N SER B 134 -9.79 -13.20 9.33
CA SER B 134 -10.86 -13.80 10.14
CA SER B 134 -10.87 -13.80 10.13
C SER B 134 -12.14 -12.99 10.03
N ALA B 135 -12.01 -11.66 10.14
CA ALA B 135 -13.15 -10.76 10.05
C ALA B 135 -13.84 -10.84 8.68
N VAL B 136 -13.04 -10.91 7.61
CA VAL B 136 -13.59 -11.08 6.26
C VAL B 136 -14.28 -12.44 6.13
N ALA B 137 -13.62 -13.50 6.58
CA ALA B 137 -14.17 -14.86 6.49
C ALA B 137 -15.48 -15.03 7.26
N GLU B 138 -15.58 -14.38 8.42
CA GLU B 138 -16.80 -14.46 9.23
C GLU B 138 -17.95 -13.64 8.64
N ALA B 139 -17.62 -12.62 7.86
CA ALA B 139 -18.63 -11.72 7.28
C ALA B 139 -19.33 -12.31 6.04
N VAL B 140 -18.66 -13.21 5.35
CA VAL B 140 -19.21 -13.81 4.12
C VAL B 140 -19.30 -15.33 4.20
N LYS B 141 -20.03 -15.92 3.26
CA LYS B 141 -20.13 -17.38 3.14
C LYS B 141 -19.25 -17.91 2.00
N LEU B 142 -18.85 -17.02 1.09
CA LEU B 142 -18.04 -17.39 -0.07
C LEU B 142 -16.65 -17.93 0.28
N PRO B 143 -16.10 -18.81 -0.58
CA PRO B 143 -14.70 -19.21 -0.45
C PRO B 143 -13.76 -18.02 -0.66
N ILE B 144 -12.69 -18.00 0.12
CA ILE B 144 -11.70 -16.92 0.08
C ILE B 144 -10.34 -17.47 -0.31
N VAL B 145 -9.72 -16.80 -1.28
CA VAL B 145 -8.33 -17.06 -1.66
C VAL B 145 -7.47 -15.91 -1.11
N ILE B 146 -6.54 -16.25 -0.23
CA ILE B 146 -5.60 -15.28 0.35
C ILE B 146 -4.59 -14.89 -0.73
N TYR B 147 -4.40 -13.60 -0.92
CA TYR B 147 -3.45 -13.10 -1.90
C TYR B 147 -2.22 -12.57 -1.15
N ASN B 148 -1.19 -13.41 -1.09
CA ASN B 148 0.03 -13.10 -0.34
C ASN B 148 1.11 -12.58 -1.28
N ILE B 149 1.37 -11.27 -1.19
CA ILE B 149 2.28 -10.60 -2.12
C ILE B 149 3.26 -9.63 -1.41
N PRO B 150 4.30 -10.18 -0.77
CA PRO B 150 5.28 -9.34 -0.07
C PRO B 150 5.92 -8.24 -0.94
N PRO B 151 6.19 -8.50 -2.24
CA PRO B 151 6.75 -7.43 -3.08
C PRO B 151 5.90 -6.16 -3.18
N ARG B 152 4.60 -6.25 -2.88
CA ARG B 152 3.73 -5.08 -2.89
C ARG B 152 3.27 -4.66 -1.49
N SER B 153 2.93 -5.64 -0.65
CA SER B 153 2.39 -5.35 0.69
C SER B 153 3.45 -5.26 1.78
N VAL B 154 4.68 -5.67 1.45
CA VAL B 154 5.83 -5.72 2.38
C VAL B 154 5.71 -6.84 3.42
N VAL B 155 4.62 -6.82 4.20
CA VAL B 155 4.33 -7.92 5.11
C VAL B 155 4.14 -9.22 4.32
N ASP B 156 4.32 -10.33 5.01
CA ASP B 156 4.36 -11.66 4.41
C ASP B 156 3.62 -12.59 5.35
N MET B 157 2.47 -13.11 4.93
CA MET B 157 1.75 -14.07 5.77
C MET B 157 2.55 -15.36 5.84
N SER B 158 2.95 -15.74 7.04
CA SER B 158 3.72 -16.96 7.25
C SER B 158 2.86 -18.20 7.01
N PRO B 159 3.50 -19.36 6.69
CA PRO B 159 2.73 -20.59 6.58
C PRO B 159 1.98 -20.94 7.86
N GLU B 160 2.54 -20.54 9.01
CA GLU B 160 1.92 -20.77 10.30
CA GLU B 160 1.90 -20.78 10.31
C GLU B 160 0.60 -20.00 10.45
N THR B 161 0.64 -18.71 10.10
CA THR B 161 -0.55 -17.85 10.15
C THR B 161 -1.60 -18.34 9.17
N MET B 162 -1.16 -18.69 7.96
CA MET B 162 -2.04 -19.23 6.92
C MET B 162 -2.71 -20.51 7.39
N GLY B 163 -1.93 -21.42 8.01
CA GLY B 163 -2.45 -22.66 8.57
C GLY B 163 -3.48 -22.43 9.66
N ALA B 164 -3.23 -21.44 10.51
CA ALA B 164 -4.15 -21.08 11.59
C ALA B 164 -5.48 -20.58 11.03
N LEU B 165 -5.42 -19.81 9.94
CA LEU B 165 -6.63 -19.32 9.28
C LEU B 165 -7.45 -20.45 8.66
N VAL B 166 -6.75 -21.38 8.03
CA VAL B 166 -7.36 -22.57 7.42
C VAL B 166 -8.11 -23.40 8.46
N LYS B 167 -7.49 -23.58 9.62
CA LYS B 167 -8.09 -24.34 10.72
CA LYS B 167 -8.08 -24.35 10.72
C LYS B 167 -9.30 -23.63 11.31
N ALA B 168 -9.22 -22.31 11.41
CA ALA B 168 -10.28 -21.51 12.03
C ALA B 168 -11.49 -21.24 11.14
N HIS B 169 -11.27 -21.25 9.82
CA HIS B 169 -12.33 -20.89 8.87
C HIS B 169 -12.40 -21.82 7.68
N LYS B 170 -13.51 -22.53 7.56
CA LYS B 170 -13.73 -23.49 6.47
C LYS B 170 -13.77 -22.82 5.10
N ASN B 171 -14.12 -21.54 5.06
CA ASN B 171 -14.20 -20.80 3.80
C ASN B 171 -12.90 -20.10 3.38
N ILE B 172 -11.82 -20.32 4.12
CA ILE B 172 -10.49 -19.93 3.65
C ILE B 172 -9.90 -21.17 2.96
N VAL B 173 -9.91 -21.14 1.63
CA VAL B 173 -9.73 -22.36 0.83
C VAL B 173 -8.44 -22.42 0.01
N GLY B 174 -7.78 -21.28 -0.16
CA GLY B 174 -6.61 -21.24 -1.03
C GLY B 174 -5.76 -20.00 -0.90
N VAL B 175 -4.72 -19.96 -1.72
CA VAL B 175 -3.77 -18.86 -1.74
C VAL B 175 -3.37 -18.53 -3.19
N ASP B 177 -0.28 -17.15 -4.39
CA ASP B 177 1.03 -17.02 -3.76
C ASP B 177 2.00 -16.30 -4.68
N ALA B 178 2.25 -15.03 -4.36
CA ALA B 178 3.17 -14.20 -5.14
C ALA B 178 4.46 -13.92 -4.36
N THR B 179 4.88 -14.86 -3.52
CA THR B 179 6.16 -14.72 -2.82
C THR B 179 7.36 -14.95 -3.74
N GLY B 180 7.17 -15.78 -4.77
CA GLY B 180 8.26 -16.18 -5.66
C GLY B 180 9.24 -17.13 -4.98
N LYS B 181 8.83 -17.69 -3.85
CA LYS B 181 9.65 -18.65 -3.11
C LYS B 181 8.91 -19.98 -3.16
N LEU B 182 9.37 -20.86 -4.04
CA LEU B 182 8.60 -22.07 -4.32
CA LEU B 182 8.66 -22.11 -4.36
C LEU B 182 8.60 -23.09 -3.19
N ASP B 183 9.58 -22.99 -2.30
CA ASP B 183 9.59 -23.79 -1.07
CA ASP B 183 9.58 -23.81 -1.08
C ASP B 183 8.40 -23.45 -0.17
N ARG B 184 7.83 -22.25 -0.36
CA ARG B 184 6.63 -21.85 0.38
CA ARG B 184 6.63 -21.84 0.38
C ARG B 184 5.44 -22.73 0.03
N VAL B 185 5.36 -23.17 -1.23
CA VAL B 185 4.30 -24.09 -1.63
C VAL B 185 4.39 -25.37 -0.80
N SER B 186 5.60 -25.90 -0.67
CA SER B 186 5.86 -27.09 0.13
C SER B 186 5.54 -26.86 1.61
N GLU B 187 5.90 -25.69 2.13
CA GLU B 187 5.59 -25.33 3.52
C GLU B 187 4.10 -25.16 3.76
N GLN B 188 3.41 -24.60 2.77
CA GLN B 188 1.96 -24.41 2.84
C GLN B 188 1.20 -25.73 2.72
N ARG B 189 1.76 -26.69 1.98
CA ARG B 189 1.23 -28.06 1.97
C ARG B 189 1.23 -28.68 3.36
N ILE B 190 2.32 -28.44 4.10
CA ILE B 190 2.45 -28.93 5.47
C ILE B 190 1.48 -28.23 6.42
N SER B 191 1.44 -26.91 6.39
CA SER B 191 0.66 -26.14 7.36
C SER B 191 -0.84 -26.09 7.05
N CYS B 192 -1.19 -26.13 5.77
CA CYS B 192 -2.58 -25.96 5.33
C CYS B 192 -3.21 -27.23 4.75
N GLY B 193 -2.39 -28.23 4.47
CA GLY B 193 -2.88 -29.49 3.92
C GLY B 193 -2.72 -29.57 2.41
N LYS B 194 -2.78 -30.80 1.90
CA LYS B 194 -2.63 -31.06 0.47
CA LYS B 194 -2.63 -31.06 0.47
C LYS B 194 -3.84 -30.60 -0.34
N ASP B 195 -4.99 -30.45 0.32
CA ASP B 195 -6.23 -30.03 -0.34
CA ASP B 195 -6.24 -30.03 -0.32
C ASP B 195 -6.38 -28.51 -0.42
N PHE B 196 -5.48 -27.79 0.25
CA PHE B 196 -5.44 -26.33 0.20
C PHE B 196 -5.10 -25.93 -1.24
N ILE B 197 -5.92 -25.04 -1.81
CA ILE B 197 -5.79 -24.67 -3.22
C ILE B 197 -4.69 -23.63 -3.41
N GLN B 198 -3.59 -24.04 -4.01
CA GLN B 198 -2.48 -23.13 -4.22
C GLN B 198 -2.38 -22.71 -5.68
N LEU B 199 -2.44 -21.40 -5.91
CA LEU B 199 -2.39 -20.83 -7.25
C LEU B 199 -1.22 -19.87 -7.33
N SER B 200 -0.45 -19.98 -8.41
CA SER B 200 0.71 -19.09 -8.58
C SER B 200 0.28 -17.65 -8.76
N GLY B 201 0.96 -16.74 -8.08
CA GLY B 201 0.76 -15.31 -8.29
C GLY B 201 1.83 -14.70 -9.17
N GLU B 202 2.67 -15.57 -9.75
CA GLU B 202 3.77 -15.16 -10.64
CA GLU B 202 3.75 -15.15 -10.65
C GLU B 202 3.74 -16.01 -11.91
N ASP B 203 3.60 -15.37 -13.07
CA ASP B 203 3.57 -16.08 -14.35
C ASP B 203 4.86 -16.83 -14.67
N SER B 204 5.99 -16.22 -14.38
CA SER B 204 7.29 -16.76 -14.79
C SER B 204 7.70 -18.02 -14.03
N THR B 205 7.07 -18.26 -12.88
CA THR B 205 7.38 -19.44 -12.06
C THR B 205 6.17 -20.33 -11.84
N ALA B 206 5.10 -20.10 -12.61
CA ALA B 206 3.91 -20.95 -12.60
C ALA B 206 4.24 -22.42 -12.86
N LEU B 207 5.26 -22.66 -13.67
CA LEU B 207 5.73 -24.00 -14.01
C LEU B 207 6.23 -24.76 -12.77
N GLY B 208 7.24 -24.20 -12.11
CA GLY B 208 7.78 -24.80 -10.89
C GLY B 208 6.75 -24.84 -9.77
N PHE B 209 5.89 -23.82 -9.73
CA PHE B 209 4.84 -23.73 -8.73
C PHE B 209 3.92 -24.95 -8.72
N ASN B 210 3.48 -25.36 -9.91
CA ASN B 210 2.63 -26.54 -10.02
C ASN B 210 3.39 -27.84 -9.72
N ALA B 211 4.66 -27.89 -10.10
CA ALA B 211 5.50 -29.04 -9.76
C ALA B 211 5.54 -29.26 -8.25
N HIS B 212 5.53 -28.17 -7.48
CA HIS B 212 5.51 -28.23 -6.01
C HIS B 212 4.13 -28.52 -5.42
N GLY B 213 3.10 -28.59 -6.25
CA GLY B 213 1.76 -28.92 -5.78
C GLY B 213 0.68 -27.89 -6.10
N GLY B 214 1.07 -26.80 -6.77
CA GLY B 214 0.09 -25.82 -7.26
C GLY B 214 -0.85 -26.45 -8.26
N VAL B 215 -2.04 -25.86 -8.41
CA VAL B 215 -3.05 -26.37 -9.33
C VAL B 215 -3.51 -25.32 -10.34
N GLY B 216 -2.76 -24.22 -10.45
CA GLY B 216 -3.07 -23.18 -11.43
C GLY B 216 -2.31 -21.89 -11.16
N CYS B 217 -2.69 -20.85 -11.89
CA CYS B 217 -2.04 -19.55 -11.82
C CYS B 217 -3.07 -18.46 -12.04
N ILE B 218 -3.13 -17.51 -11.12
CA ILE B 218 -3.86 -16.26 -11.37
C ILE B 218 -2.87 -15.34 -12.07
N SER B 219 -3.17 -15.07 -13.34
CA SER B 219 -2.17 -14.77 -14.35
C SER B 219 -2.34 -13.39 -14.99
N VAL B 220 -1.21 -12.69 -15.16
CA VAL B 220 -1.19 -11.44 -15.91
C VAL B 220 -1.07 -11.75 -17.40
N SER B 221 -0.16 -12.66 -17.75
CA SER B 221 0.12 -13.00 -19.14
C SER B 221 -1.08 -13.59 -19.88
N ALA B 222 -1.98 -14.26 -19.15
CA ALA B 222 -3.19 -14.83 -19.74
C ALA B 222 -4.07 -13.77 -20.42
N ASN B 223 -3.96 -12.52 -19.97
CA ASN B 223 -4.64 -11.41 -20.64
C ASN B 223 -4.24 -11.29 -22.10
N VAL B 224 -2.99 -11.62 -22.39
CA VAL B 224 -2.40 -11.47 -23.73
C VAL B 224 -2.46 -12.78 -24.53
N ALA B 225 -2.16 -13.89 -23.85
CA ALA B 225 -2.08 -15.19 -24.51
C ALA B 225 -2.95 -16.25 -23.81
N PRO B 226 -4.29 -16.05 -23.82
CA PRO B 226 -5.14 -16.94 -23.03
C PRO B 226 -5.12 -18.41 -23.49
N ARG B 227 -5.05 -18.66 -24.79
CA ARG B 227 -5.02 -20.04 -25.29
CA ARG B 227 -5.01 -20.03 -25.31
C ARG B 227 -3.72 -20.74 -24.92
N LEU B 228 -2.59 -20.10 -25.18
CA LEU B 228 -1.29 -20.67 -24.84
C LEU B 228 -1.16 -20.93 -23.33
N CYS B 229 -1.62 -19.97 -22.53
CA CYS B 229 -1.59 -20.13 -21.07
C CYS B 229 -2.48 -21.27 -20.58
N SER B 230 -3.66 -21.41 -21.19
CA SER B 230 -4.59 -22.49 -20.84
CA SER B 230 -4.58 -22.49 -20.83
C SER B 230 -4.02 -23.86 -21.22
N GLU B 231 -3.38 -23.93 -22.38
CA GLU B 231 -2.76 -25.17 -22.85
C GLU B 231 -1.56 -25.57 -21.98
N PHE B 232 -0.78 -24.56 -21.58
CA PHE B 232 0.32 -24.68 -20.63
C PHE B 232 -0.15 -25.30 -19.31
N GLN B 233 -1.20 -24.73 -18.74
CA GLN B 233 -1.78 -25.26 -17.51
C GLN B 233 -2.37 -26.67 -17.71
N ALA B 234 -3.02 -26.90 -18.85
CA ALA B 234 -3.57 -28.22 -19.17
C ALA B 234 -2.50 -29.30 -19.21
N ALA B 235 -1.34 -28.96 -19.79
CA ALA B 235 -0.20 -29.88 -19.84
C ALA B 235 0.26 -30.31 -18.44
N MET B 236 0.34 -29.35 -17.53
CA MET B 236 0.76 -29.63 -16.15
C MET B 236 -0.28 -30.46 -15.39
N LEU B 237 -1.56 -30.18 -15.62
CA LEU B 237 -2.64 -30.98 -15.02
C LEU B 237 -2.56 -32.44 -15.46
N ALA B 238 -2.17 -32.65 -16.72
CA ALA B 238 -2.02 -33.99 -17.29
C ALA B 238 -0.72 -34.66 -16.85
N GLY B 239 0.14 -33.91 -16.16
CA GLY B 239 1.44 -34.43 -15.71
C GLY B 239 2.50 -34.42 -16.79
N ASP B 240 2.21 -33.73 -17.90
CA ASP B 240 3.12 -33.63 -19.04
C ASP B 240 4.03 -32.42 -18.88
N TYR B 241 5.02 -32.54 -18.00
CA TYR B 241 5.92 -31.42 -17.70
C TYR B 241 6.91 -31.11 -18.82
N ALA B 242 7.21 -32.11 -19.65
CA ALA B 242 8.04 -31.87 -20.82
C ALA B 242 7.34 -30.93 -21.79
N LYS B 243 6.05 -31.16 -22.02
CA LYS B 243 5.23 -30.27 -22.86
C LYS B 243 5.10 -28.89 -22.20
N ALA B 244 4.89 -28.88 -20.88
CA ALA B 244 4.78 -27.62 -20.14
C ALA B 244 6.03 -26.75 -20.32
N LEU B 245 7.20 -27.39 -20.31
CA LEU B 245 8.48 -26.69 -20.53
C LEU B 245 8.55 -26.10 -21.94
N GLU B 246 7.98 -26.79 -22.93
CA GLU B 246 7.92 -26.27 -24.30
CA GLU B 246 7.92 -26.27 -24.30
C GLU B 246 7.10 -24.98 -24.35
N TYR B 247 6.02 -24.93 -23.58
CA TYR B 247 5.21 -23.71 -23.48
C TYR B 247 5.97 -22.60 -22.76
N GLN B 248 6.72 -22.96 -21.72
CA GLN B 248 7.59 -22.01 -21.02
C GLN B 248 8.62 -21.39 -21.97
N ASP B 249 9.21 -22.21 -22.83
CA ASP B 249 10.13 -21.70 -23.86
C ASP B 249 9.46 -20.66 -24.76
N ARG B 250 8.19 -20.90 -25.08
CA ARG B 250 7.40 -20.03 -25.95
C ARG B 250 6.93 -18.75 -25.26
N LEU B 251 6.65 -18.85 -23.96
CA LEU B 251 5.99 -17.77 -23.22
C LEU B 251 6.91 -16.93 -22.34
N MET B 252 8.05 -17.49 -21.93
CA MET B 252 8.94 -16.78 -21.01
C MET B 252 9.33 -15.37 -21.47
N PRO B 253 9.70 -15.19 -22.76
CA PRO B 253 10.03 -13.83 -23.19
C PRO B 253 8.88 -12.85 -22.95
N LEU B 254 7.65 -13.30 -23.14
CA LEU B 254 6.47 -12.46 -22.88
C LEU B 254 6.30 -12.19 -21.38
N HIS B 255 6.41 -13.23 -20.55
CA HIS B 255 6.33 -13.06 -19.09
C HIS B 255 7.28 -11.97 -18.62
N ARG B 256 8.52 -12.02 -19.11
CA ARG B 256 9.55 -11.07 -18.71
C ARG B 256 9.28 -9.66 -19.26
N ALA B 257 8.95 -9.58 -20.55
CA ALA B 257 8.77 -8.30 -21.22
C ALA B 257 7.64 -7.45 -20.64
N ILE B 258 6.52 -8.10 -20.31
CA ILE B 258 5.33 -7.47 -19.72
CA ILE B 258 5.39 -7.34 -19.78
C ILE B 258 5.66 -6.77 -18.38
N PHE B 259 6.65 -7.31 -17.68
CA PHE B 259 7.02 -6.81 -16.35
C PHE B 259 8.29 -5.96 -16.26
N MET B 260 8.87 -5.59 -17.40
CA MET B 260 10.03 -4.69 -17.40
C MET B 260 9.62 -3.36 -16.77
N GLU B 261 8.41 -2.92 -17.08
CA GLU B 261 7.74 -1.82 -16.40
C GLU B 261 6.46 -2.43 -15.79
N PRO B 262 5.60 -1.62 -15.11
CA PRO B 262 4.43 -2.25 -14.49
C PRO B 262 3.65 -3.17 -15.43
N GLY B 263 3.31 -4.35 -14.93
CA GLY B 263 2.60 -5.38 -15.69
C GLY B 263 1.32 -4.93 -16.35
N VAL B 264 0.56 -4.08 -15.68
CA VAL B 264 -0.66 -3.51 -16.26
C VAL B 264 -0.35 -2.81 -17.58
N CYS B 265 0.72 -2.03 -17.58
CA CYS B 265 1.10 -1.22 -18.73
C CYS B 265 1.73 -2.06 -19.83
N GLY B 266 2.53 -3.05 -19.45
CA GLY B 266 3.08 -4.01 -20.40
C GLY B 266 1.98 -4.78 -21.12
N THR B 267 0.99 -5.22 -20.34
CA THR B 267 -0.14 -5.98 -20.86
C THR B 267 -1.00 -5.15 -21.81
N LYS B 268 -1.32 -3.92 -21.41
CA LYS B 268 -2.14 -3.06 -22.26
C LYS B 268 -1.43 -2.66 -23.55
N TYR B 269 -0.10 -2.51 -23.50
CA TYR B 269 0.66 -2.31 -24.73
C TYR B 269 0.57 -3.54 -25.64
N ALA B 270 0.82 -4.72 -25.08
CA ALA B 270 0.73 -5.96 -25.85
C ALA B 270 -0.62 -6.10 -26.54
N LEU B 271 -1.69 -5.82 -25.80
CA LEU B 271 -3.04 -5.91 -26.34
C LEU B 271 -3.37 -4.80 -27.34
N SER B 272 -2.69 -3.66 -27.23
CA SER B 272 -2.84 -2.60 -28.24
C SER B 272 -2.31 -3.06 -29.59
N LYS B 273 -1.27 -3.88 -29.58
CA LYS B 273 -0.66 -4.40 -30.79
C LYS B 273 -1.46 -5.56 -31.40
N THR B 274 -1.93 -6.47 -30.55
CA THR B 274 -2.62 -7.68 -31.02
C THR B 274 -4.11 -7.47 -31.30
N ARG B 275 -4.75 -6.61 -30.51
CA ARG B 275 -6.21 -6.51 -30.50
C ARG B 275 -6.77 -5.10 -30.53
N GLY B 276 -5.89 -4.10 -30.58
CA GLY B 276 -6.29 -2.70 -30.68
C GLY B 276 -6.84 -2.10 -29.40
N CYS B 277 -6.49 -2.71 -28.27
CA CYS B 277 -6.96 -2.24 -26.97
CA CYS B 277 -6.91 -2.27 -26.94
C CYS B 277 -6.33 -0.90 -26.60
N ASN B 278 -7.08 -0.11 -25.82
CA ASN B 278 -6.61 1.20 -25.38
C ASN B 278 -5.54 1.03 -24.31
N ARG B 279 -4.44 1.78 -24.45
CA ARG B 279 -3.34 1.74 -23.49
C ARG B 279 -3.61 2.55 -22.23
N LYS B 280 -4.74 3.25 -22.21
CA LYS B 280 -5.11 4.12 -21.09
C LYS B 280 -5.09 3.40 -19.75
N VAL B 281 -4.37 3.99 -18.81
CA VAL B 281 -4.38 3.56 -17.42
C VAL B 281 -4.58 4.79 -16.55
N ARG B 282 -4.76 4.60 -15.25
CA ARG B 282 -4.94 5.71 -14.33
C ARG B 282 -3.65 5.99 -13.55
N SER B 283 -3.32 7.28 -13.45
CA SER B 283 -2.17 7.75 -12.69
C SER B 283 -2.23 7.20 -11.25
N PRO B 284 -1.09 6.75 -10.69
CA PRO B 284 0.29 6.95 -11.13
C PRO B 284 0.85 5.96 -12.15
N LEU B 285 0.02 5.07 -12.68
CA LEU B 285 0.46 4.25 -13.82
C LEU B 285 0.46 5.13 -15.07
N MET B 286 1.32 4.79 -16.04
CA MET B 286 1.50 5.59 -17.24
C MET B 286 0.98 4.86 -18.48
N SER B 287 0.40 5.61 -19.41
CA SER B 287 -0.12 5.06 -20.66
C SER B 287 0.99 4.86 -21.70
N THR B 288 2.21 5.17 -21.29
CA THR B 288 3.40 5.07 -22.14
C THR B 288 4.43 4.11 -21.55
N LEU B 289 5.35 3.66 -22.39
CA LEU B 289 6.46 2.80 -21.98
C LEU B 289 7.75 3.27 -22.65
N GLU B 290 8.89 2.83 -22.12
CA GLU B 290 10.18 3.09 -22.75
C GLU B 290 10.27 2.33 -24.08
N PRO B 291 10.95 2.91 -25.08
CA PRO B 291 11.13 2.23 -26.37
C PRO B 291 11.69 0.81 -26.26
N ALA B 292 12.65 0.60 -25.36
CA ALA B 292 13.26 -0.73 -25.16
C ALA B 292 12.26 -1.75 -24.63
N THR B 293 11.34 -1.30 -23.78
CA THR B 293 10.28 -2.15 -23.25
C THR B 293 9.32 -2.57 -24.37
N GLU B 294 8.89 -1.60 -25.18
CA GLU B 294 8.00 -1.87 -26.29
C GLU B 294 8.64 -2.80 -27.32
N ALA B 295 9.93 -2.59 -27.59
CA ALA B 295 10.69 -3.48 -28.49
C ALA B 295 10.76 -4.90 -27.95
N ALA B 296 10.98 -5.05 -26.66
CA ALA B 296 11.04 -6.37 -26.03
C ALA B 296 9.69 -7.08 -26.05
N ILE B 297 8.61 -6.34 -25.81
CA ILE B 297 7.27 -6.90 -25.90
C ILE B 297 6.95 -7.33 -27.34
N ASP B 298 7.29 -6.48 -28.31
CA ASP B 298 7.15 -6.81 -29.73
C ASP B 298 7.84 -8.12 -30.08
N ALA B 299 9.10 -8.26 -29.66
CA ALA B 299 9.89 -9.46 -29.93
C ALA B 299 9.28 -10.69 -29.26
N ALA B 300 8.77 -10.51 -28.04
CA ALA B 300 8.13 -11.59 -27.29
C ALA B 300 6.85 -12.06 -27.95
N LEU B 301 6.06 -11.12 -28.46
CA LEU B 301 4.82 -11.46 -29.16
C LEU B 301 5.10 -12.25 -30.44
N LYS B 302 6.13 -11.83 -31.18
CA LYS B 302 6.55 -12.54 -32.38
C LYS B 302 7.06 -13.94 -32.04
N HIS B 303 7.86 -14.05 -30.97
CA HIS B 303 8.36 -15.33 -30.49
C HIS B 303 7.24 -16.31 -30.11
N ALA B 304 6.18 -15.77 -29.51
CA ALA B 304 5.03 -16.57 -29.08
C ALA B 304 4.07 -16.90 -30.23
N GLY B 305 4.27 -16.26 -31.39
CA GLY B 305 3.42 -16.47 -32.56
C GLY B 305 2.14 -15.65 -32.53
N LEU B 306 2.13 -14.59 -31.72
CA LEU B 306 0.95 -13.73 -31.57
C LEU B 306 0.99 -12.50 -32.49
N MET B 307 2.17 -12.24 -33.06
CA MET B 307 2.36 -11.18 -34.05
C MET B 307 3.31 -11.68 -35.14
N ASN B 308 3.18 -11.14 -36.34
CA ASN B 308 4.07 -11.48 -37.44
C ASN B 308 5.16 -10.43 -37.62
#